data_4WNX
#
_entry.id   4WNX
#
_cell.length_a   107.755
_cell.length_b   75.049
_cell.length_c   74.672
_cell.angle_alpha   90.000
_cell.angle_beta   96.070
_cell.angle_gamma   90.000
#
_symmetry.space_group_name_H-M   'C 1 2 1'
#
loop_
_entity.id
_entity.type
_entity.pdbx_description
1 polymer Netrin-4
2 branched 2-acetamido-2-deoxy-beta-D-glucopyranose-(1-4)-2-acetamido-2-deoxy-beta-D-glucopyranose
3 non-polymer 2-acetamido-2-deoxy-beta-D-glucopyranose
4 non-polymer 'CALCIUM ION'
5 non-polymer TRIS(HYDROXYETHYL)AMINOMETHANE
6 water water
#
_entity_poly.entity_id   1
_entity_poly.type   'polypeptide(L)'
_entity_poly.pdbx_seq_one_letter_code
;CEKACNPRMGNLALGRKLRADTMCGQNATELFCFYSENADLTCRQPKCDKCNAAHSHLAHPPSAMADSSFRFPRTWWQSA
EDVHREKIQLDLEAEFYFTHLIMVFKSPRPAAMVLDRSQDFGKTWKPYKYFATNCSATFGLEDDVVKKGAICTSRYSNPF
PCTGGEVIFRALSPPYDIENPYSAKVQEQLKITNLRVRLLKRQSCPCQINDLNAKPHHFMHYAVYDFIVKGSCFCNGHAD
QCLPVEGFRPIKAPGAFHVVHGRCMCKHNTAGSHCQHCAPLYNDRPWEAADGRTGAPNECRTCKCNGHADTCHFDVNVWE
ASGNRSGGVCNNCQHNTEGQHCQRCKPGFYRDLRRPFSAPDACKACSCHPVGSAILPFSSVTFCDPSNGDCPCKPGVAGP
HCDRCMVGYWGFGDYGCRPCDCAGSCDPLTGDC
;
_entity_poly.pdbx_strand_id   A
#
loop_
_chem_comp.id
_chem_comp.type
_chem_comp.name
_chem_comp.formula
CA non-polymer 'CALCIUM ION' 'Ca 2'
NAG D-saccharide, beta linking 2-acetamido-2-deoxy-beta-D-glucopyranose 'C8 H15 N O6'
TAM non-polymer TRIS(HYDROXYETHYL)AMINOMETHANE 'C7 H17 N O3'
#
# COMPACT_ATOMS: atom_id res chain seq x y z
N CYS A 1 -11.01 -0.57 14.54
CA CYS A 1 -9.73 -1.27 14.52
C CYS A 1 -8.84 -0.74 15.64
N GLU A 2 -9.15 -1.14 16.87
CA GLU A 2 -8.46 -0.63 18.05
C GLU A 2 -6.96 -0.95 18.01
N LYS A 3 -6.62 -2.20 18.28
CA LYS A 3 -5.23 -2.65 18.28
C LYS A 3 -4.73 -2.88 16.87
N ALA A 4 -3.57 -3.52 16.73
CA ALA A 4 -3.08 -3.96 15.44
C ALA A 4 -4.13 -4.86 14.81
N CYS A 5 -4.28 -4.77 13.49
CA CYS A 5 -5.40 -5.41 12.80
C CYS A 5 -4.99 -5.90 11.43
N ASN A 6 -5.90 -6.60 10.75
CA ASN A 6 -5.63 -7.12 9.42
C ASN A 6 -6.92 -7.45 8.68
N PRO A 7 -7.00 -7.13 7.39
CA PRO A 7 -8.21 -7.46 6.62
C PRO A 7 -8.46 -8.96 6.53
N ARG A 8 -9.63 -9.35 6.03
CA ARG A 8 -9.99 -10.75 5.94
C ARG A 8 -9.13 -11.48 4.90
N MET A 9 -8.83 -12.74 5.18
CA MET A 9 -8.11 -13.58 4.23
C MET A 9 -9.07 -14.07 3.14
N GLY A 10 -8.54 -14.33 1.96
CA GLY A 10 -9.37 -14.79 0.85
C GLY A 10 -8.55 -15.17 -0.37
N ASN A 11 -9.22 -15.79 -1.35
CA ASN A 11 -8.56 -16.19 -2.58
C ASN A 11 -8.34 -14.99 -3.50
N LEU A 12 -7.08 -14.64 -3.72
CA LEU A 12 -6.73 -13.52 -4.59
C LEU A 12 -7.02 -13.82 -6.06
N ALA A 13 -7.29 -15.09 -6.36
CA ALA A 13 -7.58 -15.49 -7.73
C ALA A 13 -8.93 -14.95 -8.20
N LEU A 14 -9.90 -14.89 -7.30
CA LEU A 14 -11.25 -14.48 -7.65
C LEU A 14 -11.30 -13.05 -8.20
N GLY A 15 -12.02 -12.88 -9.31
CA GLY A 15 -12.27 -11.56 -9.86
C GLY A 15 -11.16 -11.01 -10.72
N ARG A 16 -10.02 -11.69 -10.77
CA ARG A 16 -8.87 -11.23 -11.54
C ARG A 16 -8.56 -12.17 -12.69
N LYS A 17 -7.89 -11.64 -13.72
CA LYS A 17 -7.51 -12.42 -14.88
C LYS A 17 -6.28 -13.28 -14.63
N LEU A 18 -6.47 -14.59 -14.63
CA LEU A 18 -5.34 -15.51 -14.68
C LEU A 18 -4.94 -15.68 -16.14
N ARG A 19 -3.64 -15.64 -16.39
CA ARG A 19 -3.12 -15.72 -17.75
C ARG A 19 -2.34 -17.02 -17.95
N ALA A 20 -2.42 -17.56 -19.16
CA ALA A 20 -1.70 -18.78 -19.52
C ALA A 20 -1.20 -18.66 -20.95
N ASP A 21 -0.05 -19.24 -21.22
CA ASP A 21 0.57 -19.13 -22.54
C ASP A 21 -0.31 -19.72 -23.63
N THR A 22 -1.04 -20.79 -23.29
CA THR A 22 -1.81 -21.53 -24.27
C THR A 22 -3.06 -22.15 -23.66
N MET A 23 -4.03 -22.48 -24.52
CA MET A 23 -5.22 -23.23 -24.12
C MET A 23 -5.69 -24.08 -25.29
N CYS A 24 -6.27 -25.23 -24.98
CA CYS A 24 -6.69 -26.18 -26.01
C CYS A 24 -7.77 -25.57 -26.91
N GLY A 25 -7.84 -26.07 -28.14
CA GLY A 25 -8.85 -25.63 -29.08
C GLY A 25 -8.73 -24.16 -29.43
N GLN A 26 -7.50 -23.67 -29.53
CA GLN A 26 -7.27 -22.27 -29.87
C GLN A 26 -7.86 -21.95 -31.24
N ASN A 27 -7.54 -22.79 -32.22
CA ASN A 27 -8.06 -22.63 -33.57
C ASN A 27 -9.41 -23.32 -33.74
N ALA A 28 -9.39 -24.56 -34.21
CA ALA A 28 -10.59 -25.36 -34.42
C ALA A 28 -10.83 -26.29 -33.23
N THR A 29 -11.79 -27.19 -33.38
CA THR A 29 -12.11 -28.15 -32.33
C THR A 29 -11.00 -29.20 -32.21
N GLU A 30 -10.85 -29.77 -31.01
CA GLU A 30 -9.82 -30.76 -30.76
C GLU A 30 -10.34 -31.87 -29.85
N LEU A 31 -10.10 -33.11 -30.24
CA LEU A 31 -10.39 -34.25 -29.39
C LEU A 31 -9.32 -34.38 -28.32
N PHE A 32 -9.75 -34.62 -27.09
CA PHE A 32 -8.82 -34.81 -25.97
C PHE A 32 -9.32 -35.90 -25.04
N CYS A 33 -8.38 -36.63 -24.46
CA CYS A 33 -8.70 -37.72 -23.53
C CYS A 33 -7.95 -37.55 -22.22
N PHE A 34 -8.53 -38.07 -21.15
CA PHE A 34 -7.89 -38.09 -19.85
C PHE A 34 -7.73 -39.53 -19.37
N TYR A 35 -6.60 -39.80 -18.71
CA TYR A 35 -6.28 -41.14 -18.24
C TYR A 35 -5.89 -41.10 -16.77
N SER A 36 -6.56 -41.92 -15.96
CA SER A 36 -6.23 -42.06 -14.55
C SER A 36 -6.12 -43.55 -14.21
N GLU A 37 -5.82 -43.85 -12.95
CA GLU A 37 -5.60 -45.23 -12.52
C GLU A 37 -6.49 -45.60 -11.34
N ASN A 38 -6.74 -46.90 -11.19
CA ASN A 38 -7.43 -47.42 -10.03
C ASN A 38 -6.44 -48.11 -9.08
N ALA A 39 -6.97 -48.80 -8.07
CA ALA A 39 -6.13 -49.41 -7.04
C ALA A 39 -5.09 -50.38 -7.62
N ASP A 40 -5.49 -51.13 -8.64
CA ASP A 40 -4.61 -52.13 -9.25
C ASP A 40 -3.62 -51.50 -10.23
N LEU A 41 -3.61 -50.17 -10.29
CA LEU A 41 -2.76 -49.43 -11.21
C LEU A 41 -3.06 -49.77 -12.68
N THR A 42 -4.23 -50.35 -12.91
CA THR A 42 -4.72 -50.57 -14.27
C THR A 42 -5.33 -49.28 -14.80
N CYS A 43 -5.09 -48.98 -16.07
CA CYS A 43 -5.68 -47.79 -16.68
C CYS A 43 -7.19 -47.92 -16.75
N ARG A 44 -7.89 -46.86 -16.36
CA ARG A 44 -9.35 -46.82 -16.45
C ARG A 44 -9.75 -46.47 -17.86
N GLN A 45 -11.02 -46.63 -18.18
CA GLN A 45 -11.52 -46.21 -19.49
C GLN A 45 -11.46 -44.69 -19.57
N PRO A 46 -10.76 -44.15 -20.60
CA PRO A 46 -10.53 -42.71 -20.63
C PRO A 46 -11.74 -41.90 -21.06
N LYS A 47 -12.17 -40.96 -20.23
CA LYS A 47 -13.21 -40.02 -20.62
C LYS A 47 -12.66 -39.07 -21.68
N CYS A 48 -13.31 -39.04 -22.84
CA CYS A 48 -12.89 -38.20 -23.95
C CYS A 48 -13.95 -37.15 -24.26
N ASP A 49 -13.53 -36.05 -24.91
CA ASP A 49 -14.43 -34.95 -25.20
C ASP A 49 -13.81 -33.99 -26.20
N LYS A 50 -14.61 -33.05 -26.69
CA LYS A 50 -14.12 -32.04 -27.64
C LYS A 50 -13.84 -30.71 -26.93
N CYS A 51 -12.79 -30.03 -27.38
CA CYS A 51 -12.40 -28.74 -26.84
C CYS A 51 -12.44 -27.66 -27.92
N ASN A 52 -13.02 -26.52 -27.59
CA ASN A 52 -13.11 -25.40 -28.52
C ASN A 52 -13.19 -24.08 -27.75
N ALA A 53 -12.24 -23.20 -28.02
CA ALA A 53 -12.14 -21.94 -27.29
C ALA A 53 -13.25 -20.97 -27.65
N ALA A 54 -13.71 -21.04 -28.90
CA ALA A 54 -14.72 -20.10 -29.40
C ALA A 54 -16.07 -20.29 -28.72
N HIS A 55 -16.27 -21.45 -28.10
CA HIS A 55 -17.54 -21.78 -27.45
C HIS A 55 -17.35 -22.04 -25.96
N SER A 56 -18.23 -21.44 -25.16
CA SER A 56 -18.11 -21.49 -23.71
C SER A 56 -18.22 -22.91 -23.15
N HIS A 57 -19.15 -23.69 -23.69
CA HIS A 57 -19.41 -25.04 -23.20
C HIS A 57 -18.37 -26.05 -23.69
N LEU A 58 -17.38 -25.57 -24.42
CA LEU A 58 -16.30 -26.42 -24.93
C LEU A 58 -14.92 -25.85 -24.60
N ALA A 59 -14.89 -24.60 -24.13
CA ALA A 59 -13.63 -23.93 -23.86
C ALA A 59 -13.04 -24.34 -22.52
N HIS A 60 -11.74 -24.12 -22.38
CA HIS A 60 -11.03 -24.37 -21.13
C HIS A 60 -9.96 -23.30 -20.92
N PRO A 61 -10.38 -22.04 -20.80
CA PRO A 61 -9.48 -20.90 -20.65
C PRO A 61 -8.85 -20.86 -19.26
N PRO A 62 -7.76 -20.10 -19.09
CA PRO A 62 -7.08 -20.01 -17.79
C PRO A 62 -8.01 -19.56 -16.66
N SER A 63 -9.03 -18.80 -17.00
CA SER A 63 -9.97 -18.28 -16.02
C SER A 63 -10.76 -19.40 -15.34
N ALA A 64 -10.70 -20.60 -15.90
CA ALA A 64 -11.39 -21.75 -15.33
C ALA A 64 -10.69 -22.26 -14.08
N MET A 65 -9.53 -21.70 -13.78
CA MET A 65 -8.79 -22.04 -12.57
C MET A 65 -9.14 -21.09 -11.42
N ALA A 66 -9.57 -19.88 -11.78
CA ALA A 66 -9.86 -18.85 -10.80
C ALA A 66 -11.33 -18.84 -10.37
N ASP A 67 -12.14 -19.70 -10.97
CA ASP A 67 -13.56 -19.75 -10.62
C ASP A 67 -13.74 -20.52 -9.31
N SER A 68 -14.99 -20.57 -8.83
CA SER A 68 -15.29 -21.23 -7.57
C SER A 68 -14.86 -22.70 -7.59
N SER A 69 -14.18 -23.12 -6.53
CA SER A 69 -13.69 -24.49 -6.42
C SER A 69 -14.77 -25.44 -5.91
N PHE A 70 -16.02 -25.05 -6.08
CA PHE A 70 -17.15 -25.87 -5.63
C PHE A 70 -18.41 -25.51 -6.41
N ARG A 71 -18.45 -25.90 -7.68
CA ARG A 71 -19.61 -25.66 -8.53
C ARG A 71 -20.11 -27.00 -9.09
N PHE A 72 -21.23 -26.96 -9.80
CA PHE A 72 -21.94 -28.17 -10.20
C PHE A 72 -21.02 -29.14 -10.96
N PRO A 73 -20.61 -28.80 -12.21
CA PRO A 73 -19.50 -29.57 -12.76
C PRO A 73 -18.16 -28.88 -12.50
N ARG A 74 -17.12 -29.65 -12.20
CA ARG A 74 -15.79 -29.08 -12.02
C ARG A 74 -15.27 -28.52 -13.34
N THR A 75 -14.67 -27.34 -13.28
CA THR A 75 -14.09 -26.69 -14.45
C THR A 75 -12.57 -26.69 -14.35
N TRP A 76 -11.90 -26.63 -15.50
CA TRP A 76 -10.45 -26.64 -15.54
C TRP A 76 -9.90 -25.98 -16.80
N TRP A 77 -8.77 -25.29 -16.65
CA TRP A 77 -8.02 -24.81 -17.79
C TRP A 77 -7.23 -25.96 -18.40
N GLN A 78 -7.04 -25.95 -19.71
CA GLN A 78 -6.32 -27.02 -20.40
C GLN A 78 -5.47 -26.44 -21.52
N SER A 79 -4.15 -26.66 -21.42
CA SER A 79 -3.21 -26.12 -22.39
C SER A 79 -3.37 -26.75 -23.77
N ALA A 80 -2.74 -26.15 -24.76
CA ALA A 80 -2.71 -26.72 -26.12
C ALA A 80 -1.99 -28.07 -26.08
N GLU A 81 -2.19 -28.87 -27.13
CA GLU A 81 -1.60 -30.20 -27.18
C GLU A 81 -0.10 -30.16 -27.43
N ASP A 82 0.60 -31.13 -26.86
CA ASP A 82 2.05 -31.24 -27.00
C ASP A 82 2.76 -29.95 -26.61
N VAL A 83 2.77 -29.67 -25.31
CA VAL A 83 3.52 -28.54 -24.77
C VAL A 83 4.04 -28.92 -23.38
N HIS A 84 5.29 -28.59 -23.10
CA HIS A 84 5.90 -28.86 -21.80
C HIS A 84 6.15 -27.56 -21.05
N ARG A 85 6.71 -26.59 -21.75
CA ARG A 85 7.00 -25.28 -21.17
C ARG A 85 5.71 -24.46 -21.15
N GLU A 86 5.16 -24.27 -19.96
CA GLU A 86 3.93 -23.51 -19.79
C GLU A 86 4.04 -22.62 -18.58
N LYS A 87 3.31 -21.50 -18.60
CA LYS A 87 3.39 -20.51 -17.52
C LYS A 87 2.02 -19.98 -17.15
N ILE A 88 1.67 -20.10 -15.88
CA ILE A 88 0.47 -19.49 -15.33
C ILE A 88 0.89 -18.32 -14.46
N GLN A 89 0.25 -17.17 -14.64
CA GLN A 89 0.66 -15.95 -13.95
C GLN A 89 -0.53 -15.10 -13.52
N LEU A 90 -0.45 -14.57 -12.30
CA LEU A 90 -1.51 -13.75 -11.73
C LEU A 90 -0.97 -12.36 -11.38
N ASP A 91 -1.39 -11.36 -12.14
CA ASP A 91 -0.97 -9.98 -11.90
C ASP A 91 -1.95 -9.26 -11.00
N LEU A 92 -1.43 -8.61 -9.96
CA LEU A 92 -2.24 -7.86 -9.02
C LEU A 92 -2.14 -6.36 -9.27
N GLU A 93 -3.27 -5.66 -9.14
CA GLU A 93 -3.32 -4.22 -9.39
C GLU A 93 -2.68 -3.42 -8.26
N ALA A 94 -2.26 -4.11 -7.21
CA ALA A 94 -1.63 -3.47 -6.06
C ALA A 94 -0.85 -4.50 -5.26
N GLU A 95 -0.22 -4.05 -4.19
CA GLU A 95 0.54 -4.95 -3.33
C GLU A 95 -0.38 -5.70 -2.37
N PHE A 96 -0.24 -7.02 -2.33
CA PHE A 96 -1.04 -7.87 -1.46
C PHE A 96 -0.15 -8.80 -0.64
N TYR A 97 -0.71 -9.34 0.45
CA TYR A 97 -0.04 -10.35 1.24
C TYR A 97 -0.41 -11.74 0.72
N PHE A 98 0.61 -12.53 0.39
CA PHE A 98 0.42 -13.90 -0.07
C PHE A 98 0.88 -14.87 1.02
N THR A 99 -0.01 -15.77 1.42
CA THR A 99 0.25 -16.66 2.54
C THR A 99 0.50 -18.10 2.11
N HIS A 100 -0.26 -18.58 1.13
CA HIS A 100 -0.17 -19.99 0.75
C HIS A 100 -1.02 -20.32 -0.49
N LEU A 101 -0.48 -21.22 -1.32
CA LEU A 101 -1.04 -21.54 -2.63
C LEU A 101 -1.50 -22.99 -2.73
N ILE A 102 -2.57 -23.22 -3.49
CA ILE A 102 -3.08 -24.56 -3.76
C ILE A 102 -3.43 -24.72 -5.23
N MET A 103 -2.70 -25.58 -5.92
CA MET A 103 -3.05 -25.99 -7.28
C MET A 103 -3.70 -27.37 -7.24
N VAL A 104 -4.57 -27.63 -8.20
CA VAL A 104 -5.27 -28.92 -8.28
C VAL A 104 -5.33 -29.36 -9.72
N PHE A 105 -4.46 -30.31 -10.09
CA PHE A 105 -4.35 -30.77 -11.47
C PHE A 105 -5.38 -31.84 -11.81
N LYS A 106 -5.98 -31.71 -12.98
CA LYS A 106 -6.83 -32.77 -13.50
C LYS A 106 -5.96 -33.81 -14.20
N SER A 107 -4.99 -33.34 -14.96
CA SER A 107 -3.98 -34.20 -15.57
C SER A 107 -2.97 -34.59 -14.49
N PRO A 108 -2.02 -35.45 -14.83
CA PRO A 108 -0.95 -35.71 -13.86
C PRO A 108 -0.14 -34.45 -13.59
N ARG A 109 0.33 -34.29 -12.36
CA ARG A 109 1.14 -33.13 -12.01
C ARG A 109 2.42 -33.12 -12.84
N PRO A 110 3.00 -31.93 -13.05
CA PRO A 110 4.20 -31.85 -13.89
C PRO A 110 5.40 -32.55 -13.28
N ALA A 111 6.24 -33.13 -14.12
CA ALA A 111 7.47 -33.76 -13.66
C ALA A 111 8.42 -32.70 -13.10
N ALA A 112 8.17 -31.44 -13.46
CA ALA A 112 8.99 -30.33 -12.97
C ALA A 112 8.26 -29.00 -13.14
N MET A 113 8.36 -28.15 -12.12
CA MET A 113 7.74 -26.83 -12.14
C MET A 113 8.32 -25.97 -11.02
N VAL A 114 8.24 -24.66 -11.19
CA VAL A 114 8.75 -23.74 -10.18
C VAL A 114 7.77 -22.61 -9.91
N LEU A 115 7.81 -22.09 -8.69
CA LEU A 115 6.94 -21.02 -8.25
C LEU A 115 7.78 -19.83 -7.80
N ASP A 116 7.37 -18.62 -8.18
CA ASP A 116 8.09 -17.42 -7.78
C ASP A 116 7.17 -16.20 -7.75
N ARG A 117 7.72 -15.09 -7.28
CA ARG A 117 6.94 -13.87 -7.04
C ARG A 117 7.66 -12.66 -7.63
N SER A 118 6.88 -11.62 -7.94
CA SER A 118 7.44 -10.32 -8.26
C SER A 118 6.91 -9.30 -7.28
N GLN A 119 7.83 -8.59 -6.63
CA GLN A 119 7.49 -7.64 -5.59
C GLN A 119 7.38 -6.22 -6.14
N ASP A 120 7.60 -6.08 -7.46
CA ASP A 120 7.65 -4.78 -8.10
C ASP A 120 6.93 -4.78 -9.45
N PHE A 121 5.75 -5.38 -9.48
CA PHE A 121 4.85 -5.32 -10.63
C PHE A 121 5.48 -5.87 -11.91
N GLY A 122 6.35 -6.88 -11.75
CA GLY A 122 6.86 -7.63 -12.89
C GLY A 122 8.24 -7.23 -13.38
N LYS A 123 8.87 -6.27 -12.72
CA LYS A 123 10.21 -5.83 -13.11
C LYS A 123 11.24 -6.90 -12.78
N THR A 124 11.06 -7.57 -11.65
CA THR A 124 11.98 -8.62 -11.21
C THR A 124 11.22 -9.77 -10.56
N TRP A 125 11.83 -10.95 -10.55
CA TRP A 125 11.23 -12.14 -9.96
C TRP A 125 12.22 -12.83 -9.04
N LYS A 126 11.70 -13.55 -8.04
CA LYS A 126 12.54 -14.28 -7.10
C LYS A 126 11.86 -15.56 -6.63
N PRO A 127 12.60 -16.69 -6.60
CA PRO A 127 12.02 -18.01 -6.30
C PRO A 127 11.24 -18.12 -4.99
N TYR A 128 10.34 -19.11 -4.95
CA TYR A 128 9.58 -19.45 -3.76
C TYR A 128 9.82 -20.92 -3.42
N LYS A 129 9.64 -21.77 -4.41
CA LYS A 129 9.72 -23.21 -4.20
C LYS A 129 9.84 -23.95 -5.53
N TYR A 130 10.76 -24.91 -5.58
CA TYR A 130 10.91 -25.77 -6.75
C TYR A 130 10.18 -27.10 -6.52
N PHE A 131 9.69 -27.68 -7.61
CA PHE A 131 8.97 -28.96 -7.55
C PHE A 131 9.46 -29.87 -8.65
N ALA A 132 9.83 -31.10 -8.28
CA ALA A 132 10.33 -32.08 -9.25
C ALA A 132 10.31 -33.48 -8.66
N THR A 133 10.29 -34.48 -9.54
CA THR A 133 10.34 -35.87 -9.12
C THR A 133 11.69 -36.18 -8.49
N ASN A 134 12.70 -35.39 -8.83
CA ASN A 134 14.00 -35.47 -8.18
C ASN A 134 14.68 -34.11 -8.21
N CYS A 135 14.71 -33.44 -7.06
CA CYS A 135 15.25 -32.09 -6.97
C CYS A 135 16.73 -32.05 -7.30
N SER A 136 17.45 -33.10 -6.94
CA SER A 136 18.90 -33.14 -7.15
C SER A 136 19.26 -33.33 -8.62
N ALA A 137 18.51 -34.16 -9.32
CA ALA A 137 18.80 -34.46 -10.72
C ALA A 137 18.26 -33.38 -11.65
N THR A 138 17.14 -32.76 -11.26
CA THR A 138 16.47 -31.78 -12.11
C THR A 138 16.99 -30.37 -11.90
N PHE A 139 17.18 -29.98 -10.63
CA PHE A 139 17.55 -28.59 -10.30
C PHE A 139 18.85 -28.49 -9.52
N GLY A 140 19.40 -29.63 -9.10
CA GLY A 140 20.59 -29.62 -8.27
C GLY A 140 20.30 -29.02 -6.91
N LEU A 141 19.04 -29.13 -6.48
CA LEU A 141 18.60 -28.62 -5.19
C LEU A 141 18.33 -29.76 -4.24
N GLU A 142 18.33 -29.47 -2.95
CA GLU A 142 18.02 -30.47 -1.94
C GLU A 142 16.51 -30.60 -1.75
N ASP A 143 16.07 -31.79 -1.36
CA ASP A 143 14.65 -32.07 -1.15
C ASP A 143 14.26 -31.78 0.30
N ASP A 144 13.17 -31.04 0.50
CA ASP A 144 12.79 -30.63 1.86
C ASP A 144 12.19 -31.76 2.67
N VAL A 145 11.94 -32.91 2.04
CA VAL A 145 11.47 -34.09 2.75
C VAL A 145 12.61 -34.68 3.59
N VAL A 146 13.83 -34.24 3.32
CA VAL A 146 15.01 -34.69 4.05
C VAL A 146 15.71 -33.53 4.74
N LYS A 147 15.92 -32.44 4.01
CA LYS A 147 16.74 -31.34 4.50
C LYS A 147 16.00 -30.49 5.54
N LYS A 148 14.68 -30.48 5.47
CA LYS A 148 13.87 -29.73 6.44
C LYS A 148 14.19 -28.25 6.39
N GLY A 149 14.04 -27.65 5.21
CA GLY A 149 14.33 -26.24 5.02
C GLY A 149 14.71 -25.89 3.59
N ALA A 150 14.87 -26.93 2.76
CA ALA A 150 15.29 -26.73 1.37
C ALA A 150 14.28 -25.92 0.57
N ILE A 151 14.64 -25.59 -0.66
CA ILE A 151 13.80 -24.77 -1.53
C ILE A 151 13.08 -25.63 -2.59
N CYS A 152 13.52 -26.87 -2.74
CA CYS A 152 12.89 -27.80 -3.69
C CYS A 152 12.17 -28.91 -2.93
N THR A 153 11.23 -29.58 -3.60
CA THR A 153 10.45 -30.64 -2.98
C THR A 153 9.85 -31.62 -3.99
N SER A 154 9.91 -32.90 -3.66
CA SER A 154 9.28 -33.95 -4.46
C SER A 154 7.97 -34.41 -3.82
N ARG A 155 7.55 -33.69 -2.79
CA ARG A 155 6.33 -34.03 -2.05
C ARG A 155 5.09 -33.91 -2.92
N TYR A 156 5.17 -33.10 -3.98
CA TYR A 156 4.02 -32.85 -4.85
C TYR A 156 4.37 -33.05 -6.32
N SER A 157 5.02 -34.17 -6.62
CA SER A 157 5.49 -34.43 -7.99
C SER A 157 5.26 -35.86 -8.44
N ASN A 158 4.78 -36.72 -7.54
CA ASN A 158 4.50 -38.11 -7.88
C ASN A 158 3.45 -38.21 -8.99
N PRO A 159 3.67 -39.09 -9.98
CA PRO A 159 2.67 -39.25 -11.05
C PRO A 159 1.31 -39.68 -10.50
N PHE A 160 1.32 -40.55 -9.49
CA PHE A 160 0.10 -40.98 -8.83
C PHE A 160 -0.22 -40.04 -7.66
N PRO A 161 -1.46 -39.55 -7.58
CA PRO A 161 -2.61 -39.81 -8.45
C PRO A 161 -2.52 -39.05 -9.78
N CYS A 162 -2.91 -39.71 -10.87
CA CYS A 162 -2.86 -39.11 -12.19
C CYS A 162 -3.94 -38.05 -12.38
N THR A 163 -4.80 -37.89 -11.38
CA THR A 163 -5.85 -36.87 -11.42
C THR A 163 -6.20 -36.41 -10.01
N GLY A 164 -6.53 -35.13 -9.89
CA GLY A 164 -6.90 -34.58 -8.60
C GLY A 164 -5.70 -34.33 -7.70
N GLY A 165 -4.50 -34.65 -8.18
CA GLY A 165 -3.28 -34.41 -7.42
C GLY A 165 -3.07 -32.93 -7.21
N GLU A 166 -2.72 -32.56 -5.98
CA GLU A 166 -2.56 -31.15 -5.61
C GLU A 166 -1.11 -30.78 -5.35
N VAL A 167 -0.75 -29.54 -5.71
CA VAL A 167 0.54 -28.97 -5.39
C VAL A 167 0.33 -27.80 -4.43
N ILE A 168 1.19 -27.69 -3.44
CA ILE A 168 1.00 -26.70 -2.38
C ILE A 168 2.31 -26.04 -1.98
N PHE A 169 2.21 -24.76 -1.63
CA PHE A 169 3.31 -24.03 -1.03
C PHE A 169 2.77 -23.11 0.05
N ARG A 170 3.47 -23.04 1.17
CA ARG A 170 3.07 -22.19 2.29
C ARG A 170 4.15 -21.18 2.61
N ALA A 171 3.84 -19.90 2.42
CA ALA A 171 4.78 -18.83 2.74
C ALA A 171 4.99 -18.75 4.25
N LEU A 172 3.90 -18.96 5.00
CA LEU A 172 3.98 -18.97 6.46
C LEU A 172 4.70 -20.23 6.95
N SER A 173 5.98 -20.35 6.58
CA SER A 173 6.81 -21.46 7.05
C SER A 173 7.09 -21.29 8.54
N PRO A 174 7.60 -22.35 9.20
CA PRO A 174 7.91 -22.31 10.62
C PRO A 174 8.68 -21.05 11.09
N PRO A 175 9.61 -20.54 10.27
CA PRO A 175 10.31 -19.32 10.69
C PRO A 175 9.45 -18.05 10.66
N TYR A 176 8.41 -18.04 9.82
CA TYR A 176 7.68 -16.81 9.53
C TYR A 176 6.34 -16.68 10.26
N ASP A 177 5.84 -17.77 10.84
CA ASP A 177 4.54 -17.72 11.52
C ASP A 177 4.66 -17.03 12.88
N ILE A 178 5.80 -17.22 13.54
CA ILE A 178 6.11 -16.49 14.77
C ILE A 178 6.67 -15.13 14.32
N GLU A 179 6.99 -14.26 15.28
CA GLU A 179 7.43 -12.88 15.02
C GLU A 179 6.32 -12.00 14.46
N ASN A 180 6.60 -10.71 14.40
CA ASN A 180 5.66 -9.72 13.86
C ASN A 180 5.45 -9.90 12.36
N PRO A 181 4.19 -10.11 11.91
CA PRO A 181 3.95 -10.35 10.49
C PRO A 181 4.26 -9.16 9.58
N TYR A 182 4.41 -7.97 10.15
CA TYR A 182 4.60 -6.76 9.36
C TYR A 182 6.05 -6.29 9.35
N SER A 183 6.93 -7.02 10.02
CA SER A 183 8.35 -6.69 10.05
C SER A 183 8.95 -6.75 8.65
N ALA A 184 10.14 -6.19 8.50
CA ALA A 184 10.81 -6.15 7.20
C ALA A 184 11.10 -7.55 6.69
N LYS A 185 11.42 -8.46 7.61
CA LYS A 185 11.79 -9.83 7.26
C LYS A 185 10.60 -10.58 6.66
N VAL A 186 9.41 -10.32 7.20
CA VAL A 186 8.21 -11.03 6.77
C VAL A 186 7.62 -10.44 5.49
N GLN A 187 7.66 -9.12 5.38
CA GLN A 187 7.14 -8.45 4.18
C GLN A 187 7.87 -8.94 2.94
N GLU A 188 9.18 -9.15 3.07
CA GLU A 188 10.00 -9.71 2.01
C GLU A 188 9.42 -11.02 1.50
N GLN A 189 8.88 -11.81 2.42
CA GLN A 189 8.36 -13.13 2.08
C GLN A 189 6.91 -13.08 1.62
N LEU A 190 6.08 -12.29 2.29
CA LEU A 190 4.64 -12.30 2.04
C LEU A 190 4.19 -11.32 0.95
N LYS A 191 4.71 -10.10 0.98
CA LYS A 191 4.24 -9.06 0.07
C LYS A 191 4.61 -9.39 -1.39
N ILE A 192 3.60 -9.32 -2.27
CA ILE A 192 3.80 -9.60 -3.69
C ILE A 192 2.90 -8.73 -4.57
N THR A 193 3.29 -8.56 -5.82
CA THR A 193 2.47 -7.90 -6.83
C THR A 193 2.09 -8.88 -7.92
N ASN A 194 2.87 -9.95 -8.03
CA ASN A 194 2.58 -11.01 -9.00
C ASN A 194 2.88 -12.38 -8.40
N LEU A 195 2.31 -13.41 -9.02
CA LEU A 195 2.59 -14.79 -8.63
C LEU A 195 2.60 -15.64 -9.89
N ARG A 196 3.72 -16.32 -10.13
CA ARG A 196 3.94 -17.02 -11.39
C ARG A 196 4.34 -18.47 -11.17
N VAL A 197 3.65 -19.35 -11.90
CA VAL A 197 3.97 -20.77 -11.94
C VAL A 197 4.55 -21.09 -13.31
N ARG A 198 5.70 -21.75 -13.35
CA ARG A 198 6.32 -22.14 -14.60
C ARG A 198 6.46 -23.66 -14.71
N LEU A 199 5.56 -24.25 -15.48
CA LEU A 199 5.57 -25.69 -15.72
C LEU A 199 6.66 -26.04 -16.74
N LEU A 200 7.47 -27.04 -16.43
CA LEU A 200 8.67 -27.33 -17.23
C LEU A 200 8.59 -28.64 -18.01
N LYS A 201 7.81 -29.60 -17.52
CA LYS A 201 7.70 -30.89 -18.18
C LYS A 201 6.45 -31.64 -17.76
N ARG A 202 5.69 -32.12 -18.74
CA ARG A 202 4.49 -32.89 -18.49
C ARG A 202 4.82 -34.24 -17.88
N GLN A 203 3.78 -35.04 -17.63
CA GLN A 203 3.97 -36.35 -17.03
C GLN A 203 2.81 -37.27 -17.43
N SER A 204 3.16 -38.40 -18.06
CA SER A 204 2.15 -39.34 -18.53
C SER A 204 1.79 -40.32 -17.43
N CYS A 205 0.52 -40.72 -17.39
CA CYS A 205 0.04 -41.69 -16.40
C CYS A 205 0.71 -43.04 -16.62
N PRO A 206 1.57 -43.48 -15.68
CA PRO A 206 2.28 -44.74 -15.90
C PRO A 206 1.43 -46.00 -15.64
N CYS A 207 0.10 -45.89 -15.73
CA CYS A 207 -0.77 -47.02 -15.44
C CYS A 207 -0.71 -48.07 -16.55
N GLN A 208 -1.13 -49.31 -16.21
CA GLN A 208 -1.11 -50.42 -17.15
C GLN A 208 -2.31 -50.41 -18.08
N ILE A 209 -2.04 -50.41 -19.38
CA ILE A 209 -3.10 -50.31 -20.39
C ILE A 209 -3.66 -51.67 -20.81
N ASN A 210 -3.68 -52.62 -19.88
CA ASN A 210 -4.13 -53.97 -20.19
C ASN A 210 -5.60 -54.02 -20.62
N ASP A 211 -6.46 -53.35 -19.86
CA ASP A 211 -7.91 -53.40 -20.11
C ASP A 211 -8.35 -52.45 -21.21
N LEU A 212 -7.41 -51.78 -21.87
CA LEU A 212 -7.73 -50.80 -22.90
C LEU A 212 -7.91 -51.44 -24.27
N ASN A 213 -9.07 -51.19 -24.87
CA ASN A 213 -9.35 -51.63 -26.24
C ASN A 213 -8.61 -50.81 -27.28
N ALA A 214 -8.05 -49.67 -26.85
CA ALA A 214 -7.35 -48.77 -27.75
C ALA A 214 -6.16 -48.11 -27.03
N LYS A 215 -5.10 -47.85 -27.79
CA LYS A 215 -3.88 -47.26 -27.24
C LYS A 215 -4.14 -45.81 -26.81
N PRO A 216 -3.45 -45.33 -25.77
CA PRO A 216 -3.59 -43.93 -25.34
C PRO A 216 -3.39 -42.92 -26.48
N HIS A 217 -4.07 -41.78 -26.39
CA HIS A 217 -4.06 -40.79 -27.45
C HIS A 217 -4.68 -39.48 -27.00
N HIS A 218 -4.19 -38.37 -27.57
CA HIS A 218 -4.73 -37.04 -27.26
C HIS A 218 -4.78 -36.77 -25.77
N PHE A 219 -3.63 -36.89 -25.11
CA PHE A 219 -3.55 -36.69 -23.66
C PHE A 219 -2.37 -35.80 -23.27
N MET A 220 -1.47 -35.56 -24.22
CA MET A 220 -0.30 -34.72 -23.96
C MET A 220 -0.72 -33.26 -23.76
N HIS A 221 -1.13 -32.93 -22.54
CA HIS A 221 -1.56 -31.57 -22.22
C HIS A 221 -1.68 -31.36 -20.73
N TYR A 222 -1.51 -30.12 -20.29
CA TYR A 222 -1.68 -29.75 -18.90
C TYR A 222 -3.15 -29.53 -18.57
N ALA A 223 -3.50 -29.61 -17.29
CA ALA A 223 -4.86 -29.36 -16.86
C ALA A 223 -4.93 -29.08 -15.36
N VAL A 224 -5.63 -28.01 -15.01
CA VAL A 224 -5.73 -27.57 -13.61
C VAL A 224 -7.16 -27.20 -13.24
N TYR A 225 -7.68 -27.84 -12.21
CA TYR A 225 -9.03 -27.57 -11.73
C TYR A 225 -9.14 -26.21 -11.06
N ASP A 226 -8.19 -25.91 -10.17
CA ASP A 226 -8.23 -24.68 -9.39
C ASP A 226 -6.83 -24.09 -9.19
N PHE A 227 -6.78 -22.76 -9.07
CA PHE A 227 -5.55 -22.06 -8.76
C PHE A 227 -5.82 -21.17 -7.55
N ILE A 228 -6.02 -21.80 -6.40
CA ILE A 228 -6.40 -21.08 -5.19
C ILE A 228 -5.20 -20.34 -4.60
N VAL A 229 -5.28 -19.01 -4.57
CA VAL A 229 -4.23 -18.17 -4.04
C VAL A 229 -4.70 -17.45 -2.78
N LYS A 230 -4.52 -18.09 -1.62
CA LYS A 230 -4.95 -17.48 -0.36
C LYS A 230 -4.03 -16.30 -0.03
N GLY A 231 -4.64 -15.23 0.46
CA GLY A 231 -3.91 -14.01 0.78
C GLY A 231 -4.83 -12.97 1.39
N SER A 232 -4.36 -11.73 1.42
CA SER A 232 -5.15 -10.64 2.00
C SER A 232 -4.60 -9.27 1.63
N CYS A 233 -5.44 -8.26 1.81
CA CYS A 233 -5.05 -6.88 1.56
C CYS A 233 -3.97 -6.45 2.55
N PHE A 234 -2.86 -5.93 2.04
CA PHE A 234 -1.76 -5.48 2.87
C PHE A 234 -1.97 -4.03 3.31
N CYS A 235 -1.94 -3.80 4.62
CA CYS A 235 -2.20 -2.48 5.17
C CYS A 235 -1.27 -2.15 6.34
N ASN A 236 -0.14 -2.85 6.41
CA ASN A 236 0.84 -2.62 7.47
C ASN A 236 0.24 -2.70 8.87
N GLY A 237 -0.85 -3.44 8.99
CA GLY A 237 -1.47 -3.67 10.28
C GLY A 237 -2.30 -2.50 10.81
N HIS A 238 -2.60 -1.54 9.94
CA HIS A 238 -3.37 -0.36 10.31
C HIS A 238 -4.78 -0.36 9.71
N ALA A 239 -5.28 -1.54 9.36
CA ALA A 239 -6.62 -1.65 8.76
C ALA A 239 -7.13 -3.08 8.79
N ASP A 240 -8.45 -3.22 8.75
CA ASP A 240 -9.11 -4.53 8.75
C ASP A 240 -10.16 -4.61 7.65
N GLN A 241 -10.15 -3.64 6.75
CA GLN A 241 -11.13 -3.57 5.68
C GLN A 241 -10.57 -2.80 4.49
N CYS A 242 -10.77 -3.33 3.30
CA CYS A 242 -10.25 -2.73 2.07
C CYS A 242 -11.36 -2.48 1.05
N LEU A 243 -11.18 -1.44 0.24
CA LEU A 243 -12.07 -1.12 -0.86
C LEU A 243 -11.34 -1.35 -2.18
N PRO A 244 -12.08 -1.32 -3.31
CA PRO A 244 -11.44 -1.50 -4.62
C PRO A 244 -10.31 -0.50 -4.90
N VAL A 245 -9.31 -0.94 -5.66
CA VAL A 245 -8.20 -0.08 -6.06
C VAL A 245 -8.64 0.76 -7.25
N GLU A 246 -8.23 2.02 -7.29
CA GLU A 246 -8.67 2.93 -8.35
C GLU A 246 -8.27 2.43 -9.73
N GLY A 247 -9.24 2.42 -10.64
CA GLY A 247 -8.99 2.00 -12.01
C GLY A 247 -9.10 0.51 -12.26
N PHE A 248 -9.41 -0.24 -11.20
CA PHE A 248 -9.52 -1.70 -11.31
C PHE A 248 -10.97 -2.14 -11.57
N ARG A 249 -11.18 -2.73 -12.74
CA ARG A 249 -12.48 -3.30 -13.11
C ARG A 249 -12.42 -4.84 -13.06
N PRO A 250 -12.96 -5.44 -11.99
CA PRO A 250 -12.93 -6.91 -11.92
C PRO A 250 -13.79 -7.58 -12.98
N ILE A 251 -13.57 -8.86 -13.22
CA ILE A 251 -14.33 -9.61 -14.22
C ILE A 251 -15.79 -9.77 -13.80
N ALA A 256 -20.54 -13.67 -9.51
CA ALA A 256 -20.72 -14.74 -8.52
C ALA A 256 -19.40 -15.07 -7.84
N PHE A 257 -18.75 -14.03 -7.30
CA PHE A 257 -17.45 -14.19 -6.66
C PHE A 257 -17.32 -13.33 -5.40
N HIS A 258 -16.43 -13.75 -4.51
CA HIS A 258 -16.12 -12.99 -3.29
C HIS A 258 -14.72 -12.38 -3.42
N VAL A 259 -14.65 -11.23 -4.08
CA VAL A 259 -13.37 -10.62 -4.44
C VAL A 259 -12.63 -10.01 -3.27
N VAL A 260 -11.31 -10.13 -3.28
CA VAL A 260 -10.43 -9.46 -2.31
C VAL A 260 -9.88 -8.19 -2.92
N HIS A 261 -10.08 -7.05 -2.25
CA HIS A 261 -9.66 -5.75 -2.76
C HIS A 261 -8.33 -5.30 -2.12
N GLY A 262 -7.78 -4.20 -2.63
CA GLY A 262 -6.44 -3.76 -2.26
C GLY A 262 -6.32 -2.39 -1.61
N ARG A 263 -7.26 -1.49 -1.89
CA ARG A 263 -7.21 -0.14 -1.33
C ARG A 263 -7.61 -0.16 0.15
N CYS A 264 -6.64 0.15 1.02
CA CYS A 264 -6.86 0.09 2.45
C CYS A 264 -7.68 1.25 3.00
N MET A 265 -8.74 0.93 3.74
CA MET A 265 -9.42 1.91 4.57
C MET A 265 -8.58 2.07 5.83
N CYS A 266 -7.60 2.95 5.78
CA CYS A 266 -6.59 3.05 6.82
C CYS A 266 -7.11 3.63 8.13
N LYS A 267 -6.63 3.08 9.23
CA LYS A 267 -6.93 3.57 10.58
C LYS A 267 -5.62 4.00 11.24
N HIS A 268 -5.66 4.27 12.54
CA HIS A 268 -4.47 4.65 13.29
C HIS A 268 -3.81 5.91 12.75
N ASN A 269 -4.62 6.81 12.20
CA ASN A 269 -4.13 8.08 11.67
C ASN A 269 -3.09 7.90 10.56
N THR A 270 -3.17 6.79 9.83
CA THR A 270 -2.26 6.51 8.72
C THR A 270 -2.91 6.88 7.39
N ALA A 271 -2.17 6.66 6.30
CA ALA A 271 -2.65 7.00 4.97
C ALA A 271 -1.85 6.26 3.90
N GLY A 272 -2.29 6.37 2.66
CA GLY A 272 -1.67 5.66 1.55
C GLY A 272 -2.41 4.38 1.23
N SER A 273 -2.12 3.81 0.07
CA SER A 273 -2.81 2.62 -0.41
C SER A 273 -2.65 1.43 0.53
N HIS A 274 -1.60 1.44 1.34
CA HIS A 274 -1.33 0.34 2.27
C HIS A 274 -1.00 0.86 3.67
N CYS A 275 -1.44 2.08 3.96
CA CYS A 275 -1.22 2.71 5.25
C CYS A 275 0.27 2.89 5.55
N GLN A 276 1.08 2.89 4.50
CA GLN A 276 2.53 3.06 4.65
C GLN A 276 2.86 4.48 5.11
N HIS A 277 1.94 5.41 4.90
CA HIS A 277 2.13 6.81 5.26
C HIS A 277 1.43 7.18 6.56
N CYS A 278 1.78 8.34 7.09
CA CYS A 278 1.02 8.97 8.16
C CYS A 278 -0.02 9.90 7.53
N ALA A 279 -1.09 10.17 8.26
CA ALA A 279 -2.08 11.14 7.81
C ALA A 279 -1.39 12.49 7.65
N PRO A 280 -1.88 13.34 6.73
CA PRO A 280 -1.20 14.58 6.39
C PRO A 280 -0.89 15.49 7.59
N LEU A 281 -1.73 15.47 8.62
CA LEU A 281 -1.54 16.32 9.79
C LEU A 281 -0.99 15.52 10.97
N TYR A 282 -0.42 14.35 10.70
CA TYR A 282 0.04 13.44 11.75
C TYR A 282 1.47 12.97 11.54
N ASN A 283 2.33 13.90 11.13
CA ASN A 283 3.75 13.60 10.94
C ASN A 283 4.60 14.17 12.07
N ASP A 284 4.12 14.03 13.31
CA ASP A 284 4.86 14.52 14.47
C ASP A 284 5.95 13.53 14.90
N ARG A 285 5.75 12.25 14.59
CA ARG A 285 6.74 11.23 14.86
C ARG A 285 6.82 10.28 13.67
N PRO A 286 7.92 9.53 13.55
CA PRO A 286 8.10 8.70 12.35
C PRO A 286 7.06 7.59 12.23
N TRP A 287 6.62 7.33 11.01
CA TRP A 287 5.65 6.27 10.74
C TRP A 287 6.20 4.91 11.17
N GLU A 288 5.30 3.99 11.48
CA GLU A 288 5.69 2.62 11.81
C GLU A 288 4.51 1.67 11.65
N ALA A 289 4.79 0.48 11.13
CA ALA A 289 3.76 -0.53 10.95
C ALA A 289 3.31 -1.08 12.30
N ALA A 290 2.05 -1.48 12.39
CA ALA A 290 1.52 -2.04 13.62
C ALA A 290 2.20 -3.36 13.94
N ASP A 291 2.44 -3.60 15.22
CA ASP A 291 3.10 -4.83 15.66
C ASP A 291 2.07 -5.94 15.86
N GLY A 292 2.06 -6.92 14.96
CA GLY A 292 1.14 -8.03 15.06
C GLY A 292 1.46 -8.92 16.25
N ARG A 293 2.75 -9.08 16.53
CA ARG A 293 3.19 -9.83 17.70
C ARG A 293 2.73 -9.16 18.98
N THR A 294 3.19 -7.93 19.19
CA THR A 294 2.85 -7.16 20.37
C THR A 294 1.37 -6.80 20.38
N GLY A 295 0.79 -6.68 19.20
CA GLY A 295 -0.56 -6.19 19.06
C GLY A 295 -0.63 -4.68 19.14
N ALA A 296 0.52 -4.06 19.40
CA ALA A 296 0.60 -2.60 19.53
C ALA A 296 0.17 -1.91 18.24
N PRO A 297 -0.61 -0.83 18.32
CA PRO A 297 -1.07 -0.18 17.09
C PRO A 297 0.01 0.62 16.39
N ASN A 298 0.90 1.27 17.16
CA ASN A 298 1.89 2.18 16.61
C ASN A 298 1.25 3.21 15.69
N GLU A 299 0.32 3.98 16.25
CA GLU A 299 -0.45 4.94 15.48
C GLU A 299 0.26 6.28 15.36
N CYS A 300 0.02 6.98 14.24
CA CYS A 300 0.66 8.27 13.98
C CYS A 300 0.17 9.33 14.94
N ARG A 301 1.10 10.17 15.41
CA ARG A 301 0.77 11.25 16.33
C ARG A 301 0.58 12.58 15.59
N THR A 302 -0.35 13.39 16.07
CA THR A 302 -0.68 14.66 15.41
C THR A 302 0.35 15.75 15.66
N CYS A 303 0.49 16.64 14.68
CA CYS A 303 1.31 17.83 14.83
C CYS A 303 0.51 18.90 15.58
N LYS A 304 1.18 19.65 16.43
CA LYS A 304 0.57 20.80 17.08
C LYS A 304 0.66 22.01 16.15
N CYS A 305 -0.48 22.53 15.72
CA CYS A 305 -0.53 23.62 14.76
C CYS A 305 -1.54 24.69 15.17
N ASN A 306 -2.14 24.52 16.35
CA ASN A 306 -3.09 25.50 16.88
C ASN A 306 -4.26 25.77 15.92
N GLY A 307 -4.51 24.82 15.03
CA GLY A 307 -5.63 24.94 14.10
C GLY A 307 -5.40 25.96 13.00
N HIS A 308 -4.14 26.16 12.63
CA HIS A 308 -3.77 27.08 11.56
C HIS A 308 -3.06 26.33 10.42
N ALA A 309 -3.21 25.01 10.40
CA ALA A 309 -2.60 24.19 9.35
C ALA A 309 -3.26 22.82 9.29
N ASP A 310 -3.38 22.28 8.09
CA ASP A 310 -3.98 20.97 7.88
C ASP A 310 -2.97 19.93 7.40
N THR A 311 -1.72 20.36 7.24
CA THR A 311 -0.64 19.48 6.79
C THR A 311 0.65 19.81 7.51
N CYS A 312 1.54 18.81 7.61
CA CYS A 312 2.82 18.99 8.26
C CYS A 312 3.78 17.90 7.79
N HIS A 313 5.06 18.07 8.06
CA HIS A 313 6.08 17.12 7.66
C HIS A 313 7.03 16.83 8.81
N PHE A 314 7.57 15.60 8.82
CA PHE A 314 8.52 15.20 9.85
C PHE A 314 9.85 15.91 9.65
N ASP A 315 10.60 16.07 10.74
CA ASP A 315 11.91 16.69 10.69
C ASP A 315 12.84 16.02 11.70
N VAL A 316 13.83 15.29 11.19
CA VAL A 316 14.73 14.53 12.05
C VAL A 316 15.57 15.45 12.92
N ASN A 317 15.89 16.63 12.39
CA ASN A 317 16.67 17.61 13.14
C ASN A 317 15.87 18.16 14.31
N VAL A 318 14.62 18.52 14.05
CA VAL A 318 13.71 18.98 15.10
C VAL A 318 13.36 17.82 16.03
N TRP A 319 13.29 16.62 15.46
CA TRP A 319 12.98 15.42 16.23
C TRP A 319 14.01 15.20 17.32
N GLU A 320 15.28 15.14 16.94
CA GLU A 320 16.36 14.94 17.89
C GLU A 320 16.48 16.11 18.86
N ALA A 321 16.10 17.30 18.40
CA ALA A 321 16.19 18.50 19.22
C ALA A 321 15.19 18.47 20.38
N SER A 322 14.06 17.81 20.15
CA SER A 322 13.03 17.69 21.18
C SER A 322 13.33 16.58 22.17
N GLY A 323 14.39 15.83 21.92
CA GLY A 323 14.72 14.67 22.73
C GLY A 323 13.95 13.45 22.28
N ASN A 324 13.81 13.30 20.96
CA ASN A 324 13.11 12.17 20.37
C ASN A 324 11.64 12.10 20.84
N ARG A 325 11.08 13.26 21.19
CA ARG A 325 9.70 13.35 21.66
C ARG A 325 8.73 13.87 20.59
N SER A 326 9.19 14.84 19.78
CA SER A 326 8.36 15.45 18.76
C SER A 326 9.22 16.11 17.68
N GLY A 327 8.76 16.04 16.44
CA GLY A 327 9.53 16.55 15.31
C GLY A 327 8.68 17.07 14.16
N GLY A 328 7.39 17.22 14.40
CA GLY A 328 6.50 17.74 13.38
C GLY A 328 6.76 19.21 13.09
N VAL A 329 6.43 19.63 11.87
CA VAL A 329 6.54 21.03 11.48
C VAL A 329 5.39 21.38 10.54
N CYS A 330 4.57 22.34 10.96
CA CYS A 330 3.38 22.72 10.20
C CYS A 330 3.73 23.34 8.86
N ASN A 331 2.97 22.97 7.83
CA ASN A 331 3.15 23.52 6.49
C ASN A 331 2.08 24.56 6.17
N ASN A 332 2.50 25.66 5.55
CA ASN A 332 1.59 26.69 5.08
C ASN A 332 0.66 27.21 6.17
N CYS A 333 1.24 27.93 7.13
CA CYS A 333 0.47 28.47 8.25
C CYS A 333 -0.61 29.42 7.78
N GLN A 334 -1.84 29.17 8.21
CA GLN A 334 -3.00 29.99 7.86
C GLN A 334 -3.23 31.07 8.92
N HIS A 335 -4.18 31.95 8.62
CA HIS A 335 -4.65 32.94 9.59
C HIS A 335 -3.53 33.86 10.09
N ASN A 336 -2.59 34.15 9.20
CA ASN A 336 -1.51 35.09 9.48
C ASN A 336 -0.62 34.68 10.65
N THR A 337 -0.53 33.37 10.90
CA THR A 337 0.39 32.84 11.90
C THR A 337 1.72 32.50 11.24
N GLU A 338 2.71 32.06 12.02
CA GLU A 338 4.09 31.98 11.51
C GLU A 338 4.94 30.84 12.09
N GLY A 339 4.73 30.50 13.35
CA GLY A 339 5.63 29.60 14.05
C GLY A 339 5.75 28.20 13.48
N GLN A 340 6.70 27.44 14.03
CA GLN A 340 6.86 26.03 13.70
C GLN A 340 5.56 25.28 13.96
N HIS A 341 4.89 25.66 15.04
CA HIS A 341 3.59 25.13 15.41
C HIS A 341 2.51 26.17 15.13
N CYS A 342 2.83 27.12 14.26
CA CYS A 342 1.95 28.24 13.98
C CYS A 342 1.51 28.93 15.27
N GLN A 343 2.46 29.10 16.19
CA GLN A 343 2.14 29.58 17.54
C GLN A 343 2.28 31.09 17.71
N ARG A 344 2.66 31.80 16.65
CA ARG A 344 2.81 33.25 16.73
C ARG A 344 2.25 33.93 15.49
N CYS A 345 1.90 35.21 15.63
CA CYS A 345 1.41 36.01 14.52
C CYS A 345 2.58 36.55 13.69
N LYS A 346 2.41 36.61 12.38
CA LYS A 346 3.45 37.15 11.51
C LYS A 346 3.74 38.60 11.86
N PRO A 347 4.91 39.11 11.46
CA PRO A 347 5.14 40.56 11.55
C PRO A 347 4.10 41.30 10.72
N GLY A 348 3.68 42.47 11.19
CA GLY A 348 2.57 43.18 10.58
C GLY A 348 1.24 42.76 11.18
N PHE A 349 1.30 41.90 12.19
CA PHE A 349 0.11 41.45 12.92
C PHE A 349 0.44 41.37 14.41
N TYR A 350 -0.57 41.08 15.22
CA TYR A 350 -0.36 40.95 16.66
C TYR A 350 -1.48 40.16 17.34
N ARG A 351 -1.17 39.64 18.52
CA ARG A 351 -2.09 38.78 19.26
C ARG A 351 -3.33 39.55 19.74
N ASP A 352 -4.49 39.12 19.26
CA ASP A 352 -5.77 39.65 19.75
C ASP A 352 -6.25 38.83 20.94
N LEU A 353 -5.93 39.30 22.14
CA LEU A 353 -6.22 38.54 23.36
C LEU A 353 -7.72 38.41 23.61
N ARG A 354 -8.52 39.25 22.96
CA ARG A 354 -9.96 39.17 23.07
C ARG A 354 -10.47 37.83 22.53
N ARG A 355 -9.70 37.23 21.62
CA ARG A 355 -10.05 35.96 21.01
C ARG A 355 -9.09 34.86 21.45
N PRO A 356 -9.52 33.59 21.34
CA PRO A 356 -8.59 32.49 21.58
C PRO A 356 -7.61 32.37 20.41
N PHE A 357 -6.45 31.79 20.63
CA PHE A 357 -5.42 31.74 19.60
C PHE A 357 -5.80 30.79 18.47
N SER A 358 -6.59 29.77 18.78
CA SER A 358 -7.01 28.80 17.78
C SER A 358 -7.99 29.42 16.79
N ALA A 359 -8.57 30.56 17.14
CA ALA A 359 -9.54 31.22 16.28
C ALA A 359 -8.86 31.76 15.03
N PRO A 360 -9.60 31.82 13.91
CA PRO A 360 -9.03 32.41 12.69
C PRO A 360 -8.63 33.87 12.87
N ASP A 361 -9.42 34.62 13.65
CA ASP A 361 -9.13 36.02 13.91
C ASP A 361 -8.31 36.17 15.20
N ALA A 362 -7.42 35.21 15.44
CA ALA A 362 -6.54 35.28 16.61
C ALA A 362 -5.54 36.41 16.45
N CYS A 363 -5.07 36.61 15.22
CA CYS A 363 -4.12 37.67 14.90
C CYS A 363 -4.82 38.83 14.20
N LYS A 364 -4.52 40.05 14.62
CA LYS A 364 -5.12 41.26 14.06
C LYS A 364 -4.08 42.10 13.34
N ALA A 365 -4.48 42.68 12.20
CA ALA A 365 -3.58 43.47 11.38
C ALA A 365 -3.12 44.73 12.12
N CYS A 366 -1.87 45.12 11.91
CA CYS A 366 -1.30 46.31 12.51
C CYS A 366 -1.67 47.55 11.69
N SER A 367 -1.83 48.68 12.38
CA SER A 367 -2.19 49.93 11.74
C SER A 367 -1.14 51.00 11.96
N CYS A 368 0.13 50.60 11.91
CA CYS A 368 1.23 51.54 12.06
C CYS A 368 1.22 52.57 10.94
N HIS A 369 1.07 53.84 11.29
CA HIS A 369 1.07 54.90 10.30
C HIS A 369 2.43 54.94 9.62
N PRO A 370 2.46 54.92 8.27
CA PRO A 370 3.73 54.78 7.56
C PRO A 370 4.70 55.94 7.78
N VAL A 371 4.17 57.14 8.00
CA VAL A 371 5.01 58.33 8.14
C VAL A 371 5.41 58.58 9.59
N GLY A 372 4.47 58.37 10.51
CA GLY A 372 4.70 58.64 11.92
C GLY A 372 5.50 57.55 12.63
N SER A 373 5.50 56.35 12.07
CA SER A 373 6.17 55.21 12.69
C SER A 373 7.67 55.20 12.39
N ALA A 374 8.48 55.07 13.43
CA ALA A 374 9.93 54.96 13.29
C ALA A 374 10.32 53.59 12.74
N ILE A 375 11.42 53.55 11.98
CA ILE A 375 11.93 52.31 11.41
C ILE A 375 13.35 52.04 11.92
N LEU A 376 13.61 50.77 12.26
CA LEU A 376 14.94 50.36 12.72
C LEU A 376 15.89 50.19 11.54
N PRO A 377 17.20 50.29 11.80
CA PRO A 377 18.17 50.05 10.72
C PRO A 377 18.13 48.61 10.25
N PHE A 378 18.56 48.37 9.00
CA PHE A 378 18.50 47.04 8.40
C PHE A 378 17.06 46.54 8.32
N SER A 379 16.14 47.48 8.10
CA SER A 379 14.75 47.15 7.80
C SER A 379 14.13 48.35 7.11
N SER A 380 13.14 48.10 6.25
CA SER A 380 12.55 49.15 5.42
C SER A 380 11.07 49.36 5.73
N VAL A 381 10.59 48.73 6.79
CA VAL A 381 9.18 48.84 7.17
C VAL A 381 9.02 48.66 8.67
N THR A 382 8.06 49.37 9.26
CA THR A 382 7.74 49.22 10.67
C THR A 382 6.73 48.10 10.88
N PHE A 383 6.95 47.32 11.94
CA PHE A 383 5.98 46.30 12.38
C PHE A 383 5.75 46.47 13.87
N CYS A 384 4.49 46.30 14.29
CA CYS A 384 4.10 46.55 15.67
C CYS A 384 4.52 45.41 16.60
N ASP A 385 4.51 45.69 17.90
CA ASP A 385 4.77 44.69 18.92
C ASP A 385 3.72 43.59 18.82
N PRO A 386 4.14 42.34 18.53
CA PRO A 386 3.15 41.26 18.36
C PRO A 386 2.33 40.98 19.61
N SER A 387 2.78 41.46 20.78
CA SER A 387 2.11 41.16 22.03
C SER A 387 0.98 42.14 22.37
N ASN A 388 1.08 43.37 21.88
CA ASN A 388 0.09 44.40 22.20
C ASN A 388 -0.24 45.34 21.03
N GLY A 389 0.49 45.21 19.93
CA GLY A 389 0.19 45.97 18.73
C GLY A 389 0.60 47.44 18.78
N ASP A 390 1.43 47.80 19.76
CA ASP A 390 1.94 49.16 19.85
C ASP A 390 3.10 49.40 18.88
N CYS A 391 2.94 50.38 18.00
CA CYS A 391 3.98 50.73 17.04
C CYS A 391 5.00 51.70 17.67
N PRO A 392 6.28 51.55 17.31
CA PRO A 392 7.30 52.47 17.83
C PRO A 392 7.25 53.82 17.11
N CYS A 393 6.90 54.88 17.83
CA CYS A 393 6.68 56.19 17.22
C CYS A 393 7.94 57.04 17.15
N LYS A 394 8.00 57.89 16.13
CA LYS A 394 9.04 58.91 16.04
C LYS A 394 8.82 59.93 17.16
N PRO A 395 9.84 60.75 17.45
CA PRO A 395 9.71 61.75 18.52
C PRO A 395 8.54 62.71 18.29
N GLY A 396 7.78 62.98 19.34
CA GLY A 396 6.67 63.91 19.27
C GLY A 396 5.39 63.29 18.72
N VAL A 397 5.47 62.02 18.32
CA VAL A 397 4.30 61.28 17.85
C VAL A 397 3.86 60.28 18.91
N ALA A 398 2.55 60.12 19.07
CA ALA A 398 2.00 59.31 20.16
C ALA A 398 0.95 58.33 19.65
N GLY A 399 0.32 57.63 20.58
CA GLY A 399 -0.71 56.65 20.26
C GLY A 399 -0.11 55.31 19.92
N PRO A 400 -0.95 54.28 19.78
CA PRO A 400 -0.51 52.94 19.38
C PRO A 400 -0.19 52.84 17.90
N HIS A 401 -0.67 53.82 17.12
CA HIS A 401 -0.53 53.79 15.66
C HIS A 401 0.41 54.87 15.14
N CYS A 402 0.84 55.76 16.02
CA CYS A 402 1.75 56.85 15.64
C CYS A 402 1.14 57.72 14.55
N ASP A 403 -0.17 57.95 14.63
CA ASP A 403 -0.90 58.65 13.58
C ASP A 403 -1.31 60.07 13.97
N ARG A 404 -0.72 60.59 15.04
CA ARG A 404 -1.04 61.93 15.52
C ARG A 404 0.01 62.43 16.50
N CYS A 405 0.14 63.75 16.59
CA CYS A 405 1.17 64.36 17.42
C CYS A 405 0.94 64.13 18.91
N MET A 406 2.02 63.87 19.62
CA MET A 406 2.00 63.72 21.07
C MET A 406 1.50 65.01 21.69
N VAL A 407 0.99 64.92 22.92
CA VAL A 407 0.47 66.11 23.61
C VAL A 407 1.61 67.11 23.82
N GLY A 408 1.42 68.33 23.32
CA GLY A 408 2.42 69.37 23.42
C GLY A 408 3.37 69.40 22.24
N TYR A 409 2.92 68.86 21.11
CA TYR A 409 3.70 68.88 19.87
C TYR A 409 2.79 69.20 18.69
N TRP A 410 3.39 69.60 17.58
CA TRP A 410 2.62 70.01 16.41
C TRP A 410 3.38 69.73 15.11
N GLY A 411 2.70 69.90 13.99
CA GLY A 411 3.30 69.68 12.69
C GLY A 411 3.70 68.23 12.47
N PHE A 412 2.70 67.35 12.42
CA PHE A 412 2.93 65.93 12.16
C PHE A 412 3.62 65.78 10.81
N GLY A 413 4.71 65.03 10.77
CA GLY A 413 5.50 64.90 9.56
C GLY A 413 6.46 63.73 9.57
N ASP A 414 7.26 63.64 8.51
CA ASP A 414 8.15 62.51 8.29
C ASP A 414 9.30 62.46 9.30
N TYR A 415 9.40 63.47 10.15
CA TYR A 415 10.46 63.54 11.17
C TYR A 415 9.88 63.65 12.57
N GLY A 416 8.58 63.39 12.69
CA GLY A 416 7.90 63.46 13.97
C GLY A 416 7.06 64.73 14.08
N CYS A 417 7.10 65.35 15.25
CA CYS A 417 6.36 66.58 15.51
C CYS A 417 7.25 67.61 16.21
N ARG A 418 7.20 68.86 15.74
CA ARG A 418 7.96 69.93 16.36
C ARG A 418 7.44 70.21 17.77
N PRO A 419 8.34 70.42 18.74
CA PRO A 419 7.86 70.88 20.05
C PRO A 419 7.30 72.30 19.98
N CYS A 420 6.10 72.51 20.52
CA CYS A 420 5.50 73.83 20.58
C CYS A 420 5.84 74.51 21.91
N ASP A 421 6.52 75.65 21.83
CA ASP A 421 6.93 76.38 23.02
C ASP A 421 5.81 77.28 23.54
N CYS A 422 4.78 76.66 24.12
CA CYS A 422 3.67 77.40 24.69
C CYS A 422 3.85 77.76 26.18
N ALA A 423 4.18 76.82 27.07
CA ALA A 423 4.46 75.42 26.79
C ALA A 423 4.03 74.53 27.96
N GLY A 424 2.73 74.37 28.20
CA GLY A 424 1.66 74.93 27.40
C GLY A 424 1.09 73.92 26.43
N SER A 425 -0.23 73.89 26.33
CA SER A 425 -0.93 72.95 25.46
C SER A 425 -0.93 73.42 24.01
N CYS A 426 -0.72 72.48 23.09
CA CYS A 426 -0.58 72.80 21.67
C CYS A 426 -1.86 72.55 20.89
N ASP A 427 -2.01 73.28 19.79
CA ASP A 427 -2.95 72.90 18.74
C ASP A 427 -2.14 72.17 17.66
N PRO A 428 -2.37 70.86 17.49
CA PRO A 428 -1.45 70.04 16.70
C PRO A 428 -1.31 70.47 15.24
N LEU A 429 -2.25 71.26 14.74
CA LEU A 429 -2.21 71.69 13.35
C LEU A 429 -1.26 72.87 13.12
N THR A 430 -1.38 73.88 13.97
CA THR A 430 -0.64 75.14 13.77
C THR A 430 0.45 75.34 14.83
N GLY A 431 0.21 74.84 16.04
CA GLY A 431 1.14 75.02 17.14
C GLY A 431 0.80 76.24 17.99
N ASP A 432 -0.33 76.88 17.69
CA ASP A 432 -0.80 78.01 18.49
C ASP A 432 -1.26 77.53 19.86
N CYS A 433 -1.13 78.40 20.86
CA CYS A 433 -1.50 78.07 22.22
C CYS A 433 -3.00 78.28 22.46
C1 NAG B . 15.17 8.02 18.46
C2 NAG B . 15.32 8.45 16.99
C3 NAG B . 16.76 8.25 16.51
C4 NAG B . 17.76 8.71 17.57
C5 NAG B . 17.60 7.93 18.86
C6 NAG B . 17.65 8.78 20.10
C7 NAG B . 14.33 7.80 14.82
C8 NAG B . 13.35 6.90 14.14
N2 NAG B . 14.41 7.67 16.16
O3 NAG B . 16.98 8.99 15.32
O4 NAG B . 19.08 8.56 17.07
O5 NAG B . 16.33 7.24 18.87
O6 NAG B . 17.50 8.01 21.29
O7 NAG B . 15.01 8.60 14.20
H2 NAG B . 15.10 9.39 16.90
H3 NAG B . 16.92 7.30 16.33
H4 NAG B . 17.60 9.66 17.75
H5 NAG B . 18.32 7.26 18.92
H61 NAG B . 16.94 9.46 20.06
H62 NAG B . 18.51 9.24 20.14
H81 NAG B . 13.33 7.10 13.19
H82 NAG B . 12.45 7.05 14.52
H83 NAG B . 13.60 5.97 14.28
HN2 NAG B . 13.88 7.05 16.56
HO3 NAG B . 16.65 8.53 14.63
HO6 NAG B . 17.05 7.27 21.09
C1 NAG B . 19.33 7.21 16.61
C2 NAG B . 19.92 7.18 15.20
C3 NAG B . 20.06 5.74 14.73
C4 NAG B . 20.86 4.93 15.75
C5 NAG B . 20.25 5.08 17.13
C6 NAG B . 21.06 4.40 18.22
C7 NAG B . 19.56 8.87 13.44
C8 NAG B . 18.55 9.53 12.55
N2 NAG B . 19.08 7.94 14.27
O3 NAG B . 20.71 5.71 13.46
O4 NAG B . 20.86 3.55 15.37
O5 NAG B . 20.17 6.47 17.49
O6 NAG B . 20.39 4.43 19.47
O7 NAG B . 20.75 9.17 13.41
H2 NAG B . 20.81 7.59 15.23
H3 NAG B . 19.17 5.35 14.63
H4 NAG B . 21.77 5.25 15.77
H5 NAG B . 19.35 4.70 17.12
H61 NAG B . 21.92 4.86 18.29
H62 NAG B . 21.21 3.46 17.96
H81 NAG B . 19.00 10.23 12.02
H82 NAG B . 17.85 9.95 13.10
H83 NAG B . 18.16 8.87 11.96
HN2 NAG B . 18.19 7.76 14.24
HO3 NAG B . 20.75 4.87 13.16
HO4 NAG B . 21.60 3.17 15.66
HO6 NAG B . 20.88 3.99 20.08
C1 NAG C . 17.08 -38.63 -6.60
C2 NAG C . 16.74 -40.01 -5.96
C3 NAG C . 17.20 -41.22 -6.80
C4 NAG C . 18.52 -41.02 -7.55
C5 NAG C . 18.68 -39.63 -8.14
C6 NAG C . 17.82 -39.36 -9.34
C7 NAG C . 18.13 -39.72 -3.84
C8 NAG C . 19.17 -38.94 -4.57
N2 NAG C . 17.07 -40.17 -4.54
O3 NAG C . 16.17 -41.55 -7.74
O4 NAG C . 19.62 -41.36 -6.71
O5 NAG C . 18.40 -38.63 -7.15
O6 NAG C . 16.53 -39.96 -9.25
O7 NAG C . 18.23 -39.95 -2.65
H2 NAG C . 15.76 -40.06 -6.00
H3 NAG C . 17.31 -41.98 -6.20
H4 NAG C . 18.52 -41.65 -8.29
H5 NAG C . 19.61 -39.52 -8.41
H61 NAG C . 18.26 -39.69 -10.13
H62 NAG C . 17.69 -38.39 -9.44
H81 NAG C . 19.85 -38.64 -3.94
H82 NAG C . 18.76 -38.16 -5.00
H83 NAG C . 19.58 -39.51 -5.26
HN2 NAG C . 16.45 -40.65 -4.05
HO3 NAG C . 15.70 -40.82 -7.93
HO6 NAG C . 16.46 -40.61 -9.86
C1 NAG C . 20.43 -42.28 -7.48
C2 NAG C . 21.75 -41.64 -7.92
C3 NAG C . 22.88 -42.08 -7.01
C4 NAG C . 22.37 -42.29 -5.59
C5 NAG C . 21.37 -43.44 -5.56
C6 NAG C . 20.30 -43.30 -4.51
C7 NAG C . 21.83 -41.09 -10.32
C8 NAG C . 22.20 -41.58 -11.68
N2 NAG C . 22.04 -41.93 -9.31
O3 NAG C . 23.92 -41.10 -7.02
O4 NAG C . 23.45 -42.57 -4.72
O5 NAG C . 20.70 -43.54 -6.83
O6 NAG C . 20.68 -42.38 -3.49
O7 NAG C . 21.35 -39.97 -10.14
H2 NAG C . 21.65 -40.66 -7.83
H3 NAG C . 23.24 -42.93 -7.35
H4 NAG C . 21.92 -41.46 -5.29
H5 NAG C . 21.86 -44.26 -5.40
H61 NAG C . 20.13 -44.17 -4.11
H62 NAG C . 19.48 -42.98 -4.93
H81 NAG C . 21.96 -40.90 -12.35
H82 NAG C . 21.72 -42.40 -11.87
H83 NAG C . 23.16 -41.75 -11.72
HN2 NAG C . 22.40 -42.76 -9.50
HO3 NAG C . 24.37 -41.15 -6.25
HO4 NAG C . 23.14 -42.70 -3.90
HO6 NAG C . 19.99 -42.26 -2.93
C1 NAG D . -3.61 -22.15 -35.65
C2 NAG D . -2.57 -22.84 -34.77
C3 NAG D . -1.20 -22.79 -35.43
C4 NAG D . -0.99 -21.43 -36.09
C5 NAG D . -2.03 -21.21 -37.19
C6 NAG D . -1.50 -21.48 -38.59
C7 NAG D . -2.07 -22.88 -32.36
C8 NAG D . -2.09 -22.09 -31.08
N2 NAG D . -2.51 -22.24 -33.45
O3 NAG D . -1.11 -23.82 -36.42
O4 NAG D . -1.11 -20.40 -35.12
O5 NAG D . -3.14 -22.10 -37.00
O6 NAG D . -2.09 -20.59 -39.54
O7 NAG D . -1.68 -24.03 -32.41
H2 NAG D . -2.83 -23.77 -34.67
H3 NAG D . -0.50 -22.93 -34.76
H4 NAG D . -0.10 -21.40 -36.49
H5 NAG D . -2.35 -20.29 -37.14
H61 NAG D . -1.71 -22.40 -38.84
H62 NAG D . -0.54 -21.35 -38.58
H81 NAG D . -1.79 -22.66 -30.35
H82 NAG D . -2.99 -21.78 -30.91
H83 NAG D . -1.49 -21.32 -31.18
HN2 NAG D . -2.80 -21.37 -33.36
HO3 NAG D . -1.90 -23.93 -36.81
HO4 NAG D . -0.30 -20.13 -34.87
HO6 NAG D . -1.76 -20.76 -40.34
C1 NAG E . -0.47 -18.38 -37.14
C2 NAG E . -1.45 -17.31 -36.70
C3 NAG E . -0.85 -15.92 -36.96
C4 NAG E . 0.52 -15.82 -36.31
C5 NAG E . 1.41 -16.99 -36.73
C6 NAG E . 2.73 -17.02 -36.00
C7 NAG E . -3.86 -17.77 -36.75
C8 NAG E . -5.08 -17.86 -37.61
N2 NAG E . -2.72 -17.44 -37.38
O3 NAG E . -1.72 -14.93 -36.45
O4 NAG E . 1.15 -14.59 -36.69
O5 NAG E . 0.76 -18.23 -36.45
O6 NAG E . 3.24 -18.35 -35.91
O7 NAG E . -3.90 -17.98 -35.54
H2 NAG E . -1.59 -17.39 -35.74
H3 NAG E . -0.75 -15.80 -37.92
H4 NAG E . 0.42 -15.84 -35.34
H5 NAG E . 1.58 -16.92 -37.69
H61 NAG E . 2.60 -16.66 -35.10
H62 NAG E . 3.38 -16.46 -36.47
H81 NAG E . -5.84 -18.15 -37.07
H82 NAG E . -4.93 -18.52 -38.32
H83 NAG E . -5.27 -17.00 -38.01
HN2 NAG E . -2.75 -17.30 -38.27
HO3 NAG E . -1.36 -14.12 -36.60
HO4 NAG E . 1.79 -14.41 -36.11
HO6 NAG E . 2.59 -18.93 -36.05
CA CA F . -12.49 -24.68 -11.63
C TAM G . -13.44 -3.67 14.64
C1 TAM G . -13.49 -2.42 15.54
C2 TAM G . -12.02 -4.16 14.33
C3 TAM G . -14.18 -3.25 13.35
C4 TAM G . -12.38 -2.23 16.57
C5 TAM G . -11.40 -5.04 15.43
C6 TAM G . -14.23 -4.32 12.27
N TAM G . -14.16 -4.72 15.27
O4 TAM G . -12.68 -2.91 17.80
O5 TAM G . -9.98 -5.06 15.26
O6 TAM G . -15.07 -3.88 11.20
H11 TAM G . -13.49 -1.62 14.96
H12 TAM G . -14.34 -2.44 16.02
H21 TAM G . -12.04 -4.69 13.51
H22 TAM G . -11.45 -3.39 14.19
H31 TAM G . -15.09 -2.99 13.57
H32 TAM G . -13.73 -2.47 12.97
H41 TAM G . -11.54 -2.58 16.21
H42 TAM G . -12.26 -1.28 16.76
H51 TAM G . -11.62 -4.66 16.29
H52 TAM G . -11.76 -5.94 15.37
H61 TAM G . -13.33 -4.49 11.93
H62 TAM G . -14.59 -5.15 12.64
HN1 TAM G . -13.84 -5.52 14.98
HN2 TAM G . -15.05 -4.66 15.06
HO4 TAM G . -12.15 -2.59 18.44
HO5 TAM G . -9.65 -5.79 15.64
HO6 TAM G . -14.75 -4.17 10.43
#